data_6FBH
#
_entry.id   6FBH
#
_cell.length_a   109.706
_cell.length_b   109.706
_cell.length_c   91.292
_cell.angle_alpha   90.00
_cell.angle_beta   90.00
_cell.angle_gamma   120.00
#
_symmetry.space_group_name_H-M   'P 31 2 1'
#
loop_
_entity.id
_entity.type
_entity.pdbx_description
1 polymer 'DNA polymerase I, thermostable'
2 polymer "DNA (5'-D(*GP*AP*CP*CP*CP*AP*(OH3)P*CP*GP*GP*AP*C)-3')"
3 polymer "DNA (5'-D(*AP*AP*AP*CP*GP*TP*CP*CP*GP*GP*TP*GP*GP*GP*TP*C)-3')"
4 non-polymer 'MANGANESE (II) ION'
5 non-polymer 1,2-ETHANEDIOL
6 non-polymer "2'-deoxy-5'-O-[(R)-hydroxy{[(R)-hydroxy(phosphonooxy)phosphoryl]amino}phosphoryl]guanosine"
7 water water
#
loop_
_entity_poly.entity_id
_entity_poly.type
_entity_poly.pdbx_seq_one_letter_code
_entity_poly.pdbx_strand_id
1 'polypeptide(L)'
;MALEEAPWPPPEGAFVGFVLSRKEPMWADLLALAAARGGRVHRAPEPYKALRDLKEARGLLAKDLSVLALREGLGLPPGD
DPMLLAYLLDPSNTTPEGVARRYGGEWTEEAGERAALSERLFANLWGRLEGEERLLWLYREVERPLSAVLAHMEATGVRL
DVAYLRALSLEVAEEIARLEAEVFRLAGHPFNLNSRDQLERVLFDELGLPAIGKTEKTGKRSTSAAVLEALREAHPIVEK
ILQYRELTKLKSTYIDPLPDLIHPRTGRLHTRFNQTATATGRLSSSDPNLQNIPVRTPLGQRIRRAFIAEEGWLLVALDY
SQIELRVLAHLSGDENLIRVFQEGRDIHTETASWMFGVPREAVDPLMRRAAKTINFGVLYGMSAHRLSQELAIPYEEAQA
FIERYFQSFPKVRAWIEKTLEEGRRRGYVETLFGRRRYVPDLEARVKSVREAAERMAFNMPVQGTAADLMKLAMVKLFPR
LEEMGARMLLQVHDELVLEAPKERAEAVARLAKEVMEGVYPLAVPLEVEVGIGEDWLSAKE
;
A
2 'polydeoxyribonucleotide' (DG)(DA)(DC)(DC)(DC)(DA)(D4B)(DC)(DG)(DG)(DA)(DC) B
3 'polydeoxyribonucleotide' (DA)(DA)(DA)(DC)(DG)(DT)(DC)(DC)(DG)(DG)(DT)(DG)(DG)(DG)(DT)(DC) C
#
loop_
_chem_comp.id
_chem_comp.type
_chem_comp.name
_chem_comp.formula
D4B DNA linking '[(2~{R},3~{S},5~{R})-5-[4-azanyl-5-[2-(4-ethynylphenyl)ethynyl]-2-oxidanylidene-pyrimidin-1-yl]-3-oxidanyl-oxolan-2-yl]methyl dihydrogen phosphate' 'C19 H18 N3 O7 P'
DA DNA linking 2'-DEOXYADENOSINE-5'-MONOPHOSPHATE 'C10 H14 N5 O6 P'
DC DNA linking 2'-DEOXYCYTIDINE-5'-MONOPHOSPHATE 'C9 H14 N3 O7 P'
DG DNA linking 2'-DEOXYGUANOSINE-5'-MONOPHOSPHATE 'C10 H14 N5 O7 P'
DT DNA linking THYMIDINE-5'-MONOPHOSPHATE 'C10 H15 N2 O8 P'
EDO non-polymer 1,2-ETHANEDIOL 'C2 H6 O2'
MN non-polymer 'MANGANESE (II) ION' 'Mn 2'
XG4 non-polymer 2'-deoxy-5'-O-[(R)-hydroxy{[(R)-hydroxy(phosphonooxy)phosphoryl]amino}phosphoryl]guanosine 'C10 H17 N6 O12 P3'
#
# COMPACT_ATOMS: atom_id res chain seq x y z
N LEU A 3 -21.00 3.85 32.81
CA LEU A 3 -20.45 2.65 33.42
C LEU A 3 -20.05 2.93 34.86
N GLU A 4 -20.16 1.91 35.71
CA GLU A 4 -19.74 2.04 37.11
C GLU A 4 -18.23 1.95 37.21
N GLU A 5 -17.63 2.86 37.98
CA GLU A 5 -16.18 2.86 38.14
C GLU A 5 -15.75 1.73 39.08
N ALA A 6 -14.75 0.97 38.65
CA ALA A 6 -14.18 -0.09 39.46
C ALA A 6 -12.66 0.03 39.44
N PRO A 7 -11.99 -0.45 40.50
CA PRO A 7 -10.56 -0.18 40.62
C PRO A 7 -9.72 -0.94 39.60
N TRP A 8 -8.60 -0.35 39.24
CA TRP A 8 -7.63 -1.06 38.41
C TRP A 8 -6.99 -2.17 39.22
N PRO A 9 -6.72 -3.34 38.62
CA PRO A 9 -6.86 -3.75 37.21
C PRO A 9 -8.23 -4.28 36.79
N PRO A 10 -8.47 -4.34 35.49
CA PRO A 10 -9.73 -4.90 35.00
C PRO A 10 -9.68 -6.41 35.00
N PRO A 11 -10.83 -7.07 34.88
CA PRO A 11 -10.83 -8.53 34.75
C PRO A 11 -10.31 -8.97 33.40
N GLU A 12 -9.94 -10.24 33.33
CA GLU A 12 -9.37 -10.78 32.11
C GLU A 12 -10.38 -10.70 30.98
N GLY A 13 -9.92 -10.27 29.81
CA GLY A 13 -10.76 -10.20 28.64
C GLY A 13 -11.49 -8.89 28.43
N ALA A 14 -11.22 -7.87 29.25
CA ALA A 14 -11.91 -6.60 29.13
C ALA A 14 -11.44 -5.82 27.90
N PHE A 15 -12.27 -4.89 27.46
CA PHE A 15 -11.95 -4.03 26.31
C PHE A 15 -11.13 -2.84 26.77
N VAL A 16 -10.11 -2.50 25.98
N VAL A 16 -10.14 -2.48 25.97
CA VAL A 16 -9.15 -1.46 26.36
CA VAL A 16 -9.16 -1.47 26.34
C VAL A 16 -9.50 -0.16 25.63
C VAL A 16 -9.46 -0.17 25.62
N GLY A 17 -9.20 0.94 26.30
CA GLY A 17 -9.25 2.25 25.67
C GLY A 17 -7.99 2.98 26.07
N PHE A 18 -7.52 3.85 25.18
CA PHE A 18 -6.25 4.51 25.45
C PHE A 18 -6.14 5.79 24.64
N VAL A 19 -5.31 6.69 25.15
CA VAL A 19 -5.10 8.00 24.53
C VAL A 19 -3.60 8.19 24.33
N LEU A 20 -3.21 8.53 23.10
CA LEU A 20 -1.83 8.80 22.75
C LEU A 20 -1.62 10.30 22.60
N SER A 21 -0.39 10.73 22.87
CA SER A 21 -0.02 12.11 22.61
C SER A 21 0.03 12.42 21.12
N ARG A 22 0.11 11.39 20.28
CA ARG A 22 0.23 11.52 18.85
C ARG A 22 -0.06 10.17 18.24
N LYS A 23 -0.45 10.18 16.96
CA LYS A 23 -1.05 8.99 16.34
C LYS A 23 -0.04 7.87 16.13
N GLU A 24 1.24 8.19 15.99
CA GLU A 24 2.29 7.19 15.75
C GLU A 24 2.65 6.46 17.04
N PRO A 25 2.32 5.17 17.17
CA PRO A 25 2.59 4.50 18.46
C PRO A 25 4.07 4.43 18.82
N MET A 26 4.98 4.32 17.85
CA MET A 26 6.39 4.27 18.21
C MET A 26 6.87 5.59 18.82
N TRP A 27 6.19 6.70 18.56
CA TRP A 27 6.61 7.99 19.06
C TRP A 27 5.70 8.55 20.15
N ALA A 28 4.62 7.85 20.48
CA ALA A 28 3.60 8.42 21.37
C ALA A 28 3.94 8.25 22.84
N ASP A 29 3.58 9.26 23.63
CA ASP A 29 3.42 9.13 25.06
C ASP A 29 2.05 8.53 25.34
N LEU A 30 2.01 7.52 26.19
CA LEU A 30 0.73 6.93 26.62
C LEU A 30 0.14 7.82 27.70
N LEU A 31 -0.87 8.62 27.33
CA LEU A 31 -1.40 9.62 28.25
C LEU A 31 -2.44 9.04 29.21
N ALA A 32 -3.21 8.05 28.77
CA ALA A 32 -4.23 7.48 29.65
C ALA A 32 -4.61 6.09 29.16
N LEU A 33 -4.99 5.25 30.11
CA LEU A 33 -5.31 3.86 29.83
C LEU A 33 -6.51 3.43 30.66
N ALA A 34 -7.52 2.85 30.02
CA ALA A 34 -8.71 2.40 30.71
C ALA A 34 -9.20 1.10 30.07
N ALA A 35 -10.05 0.39 30.81
CA ALA A 35 -10.62 -0.87 30.35
C ALA A 35 -12.07 -0.98 30.82
N ALA A 36 -12.89 -1.66 30.02
CA ALA A 36 -14.31 -1.77 30.30
C ALA A 36 -14.77 -3.21 30.15
N ARG A 37 -15.68 -3.63 31.04
CA ARG A 37 -16.18 -4.99 31.04
C ARG A 37 -17.28 -5.12 32.08
N GLY A 38 -18.24 -5.99 31.79
CA GLY A 38 -19.28 -6.33 32.75
C GLY A 38 -20.02 -5.14 33.34
N GLY A 39 -20.20 -4.09 32.54
CA GLY A 39 -20.83 -2.89 33.05
C GLY A 39 -19.95 -2.07 33.97
N ARG A 40 -18.65 -2.32 33.98
CA ARG A 40 -17.70 -1.59 34.80
C ARG A 40 -16.62 -0.98 33.93
N VAL A 41 -16.12 0.18 34.35
CA VAL A 41 -15.02 0.85 33.69
C VAL A 41 -13.87 0.98 34.68
N HIS A 42 -12.66 0.65 34.23
CA HIS A 42 -11.46 0.72 35.06
C HIS A 42 -10.48 1.71 34.43
N ARG A 43 -10.04 2.67 35.23
CA ARG A 43 -9.13 3.72 34.77
C ARG A 43 -7.80 3.58 35.50
N ALA A 44 -6.70 3.55 34.76
CA ALA A 44 -5.41 3.23 35.35
C ALA A 44 -4.78 4.49 35.97
N PRO A 45 -4.25 4.40 37.19
CA PRO A 45 -3.62 5.59 37.78
C PRO A 45 -2.36 6.01 37.04
N GLU A 46 -1.51 5.06 36.66
CA GLU A 46 -0.32 5.35 35.86
C GLU A 46 -0.35 4.49 34.61
N PRO A 47 -0.56 5.06 33.42
CA PRO A 47 -0.78 4.21 32.23
C PRO A 47 0.36 3.27 31.92
N TYR A 48 1.61 3.73 32.02
CA TYR A 48 2.73 2.88 31.64
C TYR A 48 2.81 1.67 32.55
N LYS A 49 2.69 1.87 33.86
CA LYS A 49 2.74 0.74 34.79
C LYS A 49 1.59 -0.22 34.55
N ALA A 50 0.40 0.31 34.29
CA ALA A 50 -0.79 -0.51 34.12
C ALA A 50 -0.75 -1.36 32.85
N LEU A 51 0.11 -1.03 31.88
CA LEU A 51 0.25 -1.86 30.69
C LEU A 51 0.66 -3.28 31.06
N ARG A 52 1.52 -3.42 32.06
CA ARG A 52 2.01 -4.73 32.47
C ARG A 52 0.88 -5.62 32.97
N ASP A 53 -0.28 -5.05 33.28
CA ASP A 53 -1.36 -5.86 33.83
C ASP A 53 -2.16 -6.58 32.75
N LEU A 54 -2.14 -6.10 31.50
CA LEU A 54 -3.01 -6.63 30.47
C LEU A 54 -2.39 -7.85 29.79
N LYS A 55 -3.23 -8.82 29.44
CA LYS A 55 -2.78 -10.02 28.74
C LYS A 55 -2.86 -9.87 27.22
N GLU A 56 -3.70 -8.98 26.72
CA GLU A 56 -3.73 -8.64 25.31
C GLU A 56 -4.51 -7.34 25.15
N ALA A 57 -4.29 -6.70 24.01
CA ALA A 57 -4.98 -5.45 23.67
C ALA A 57 -6.24 -5.79 22.87
N ARG A 58 -7.39 -5.63 23.51
CA ARG A 58 -8.69 -5.96 22.92
C ARG A 58 -9.50 -4.66 22.84
N GLY A 59 -9.63 -4.11 21.65
CA GLY A 59 -10.45 -2.91 21.51
C GLY A 59 -10.12 -2.15 20.24
N LEU A 60 -10.66 -0.93 20.18
CA LEU A 60 -10.45 -0.08 19.01
C LEU A 60 -8.98 0.26 18.88
N LEU A 61 -8.47 0.18 17.64
CA LEU A 61 -7.06 0.45 17.34
C LEU A 61 -6.15 -0.38 18.23
N ALA A 62 -6.50 -1.64 18.44
CA ALA A 62 -5.71 -2.51 19.31
C ALA A 62 -4.25 -2.54 18.90
N LYS A 63 -3.98 -2.64 17.59
CA LYS A 63 -2.60 -2.84 17.15
C LYS A 63 -1.69 -1.71 17.61
N ASP A 64 -2.20 -0.47 17.63
CA ASP A 64 -1.35 0.65 18.04
C ASP A 64 -0.91 0.52 19.50
N LEU A 65 -1.80 0.07 20.38
CA LEU A 65 -1.40 -0.12 21.78
C LEU A 65 -0.38 -1.25 21.88
N SER A 66 -0.56 -2.30 21.08
CA SER A 66 0.38 -3.43 21.10
C SER A 66 1.77 -2.99 20.64
N VAL A 67 1.83 -2.12 19.63
CA VAL A 67 3.11 -1.63 19.14
C VAL A 67 3.83 -0.86 20.23
N LEU A 68 3.11 0.03 20.92
CA LEU A 68 3.73 0.78 22.00
C LEU A 68 4.15 -0.13 23.14
N ALA A 69 3.40 -1.19 23.41
CA ALA A 69 3.83 -2.13 24.43
C ALA A 69 5.13 -2.83 24.03
N LEU A 70 5.23 -3.26 22.76
CA LEU A 70 6.47 -3.87 22.28
C LEU A 70 7.63 -2.90 22.39
N ARG A 71 7.43 -1.64 22.01
CA ARG A 71 8.47 -0.62 22.14
C ARG A 71 9.01 -0.56 23.57
N GLU A 72 8.15 -0.80 24.56
CA GLU A 72 8.52 -0.84 25.96
C GLU A 72 8.96 -2.22 26.42
N GLY A 73 9.13 -3.16 25.49
CA GLY A 73 9.58 -4.49 25.86
C GLY A 73 8.52 -5.39 26.46
N LEU A 74 7.24 -5.16 26.15
CA LEU A 74 6.13 -5.95 26.68
C LEU A 74 5.48 -6.73 25.55
N GLY A 75 5.33 -8.04 25.75
CA GLY A 75 4.63 -8.86 24.77
C GLY A 75 3.13 -8.80 24.95
N LEU A 76 2.51 -7.74 24.45
CA LEU A 76 1.07 -7.55 24.59
C LEU A 76 0.43 -7.72 23.20
N PRO A 77 -0.11 -8.88 22.86
CA PRO A 77 -0.63 -9.08 21.51
C PRO A 77 -1.95 -8.36 21.32
N PRO A 78 -2.24 -7.87 20.11
CA PRO A 78 -3.58 -7.34 19.85
C PRO A 78 -4.58 -8.47 19.61
N GLY A 79 -5.79 -8.29 20.13
CA GLY A 79 -6.86 -9.25 19.95
C GLY A 79 -7.98 -8.67 19.11
N ASP A 80 -9.22 -8.78 19.57
CA ASP A 80 -10.35 -8.24 18.82
C ASP A 80 -10.24 -6.73 18.67
N ASP A 81 -10.67 -6.24 17.51
CA ASP A 81 -10.72 -4.81 17.24
C ASP A 81 -11.96 -4.57 16.39
N PRO A 82 -13.01 -3.94 16.93
CA PRO A 82 -14.21 -3.72 16.11
C PRO A 82 -13.97 -2.92 14.84
N MET A 83 -12.84 -2.20 14.72
CA MET A 83 -12.52 -1.58 13.43
C MET A 83 -12.35 -2.62 12.34
N LEU A 84 -11.76 -3.77 12.69
CA LEU A 84 -11.56 -4.84 11.71
C LEU A 84 -12.88 -5.50 11.34
N LEU A 85 -13.77 -5.67 12.31
CA LEU A 85 -15.13 -6.12 12.01
C LEU A 85 -15.82 -5.15 11.06
N ALA A 86 -15.80 -3.86 11.39
CA ALA A 86 -16.48 -2.87 10.56
C ALA A 86 -15.89 -2.84 9.16
N TYR A 87 -14.55 -2.92 9.07
CA TYR A 87 -13.87 -2.86 7.78
C TYR A 87 -14.22 -4.06 6.89
N LEU A 88 -14.46 -5.24 7.48
CA LEU A 88 -14.90 -6.39 6.68
C LEU A 88 -16.35 -6.23 6.22
N LEU A 89 -17.22 -5.65 7.07
CA LEU A 89 -18.60 -5.42 6.65
C LEU A 89 -18.68 -4.40 5.51
N ASP A 90 -17.79 -3.40 5.48
CA ASP A 90 -17.80 -2.35 4.48
C ASP A 90 -16.46 -1.60 4.58
N PRO A 91 -15.55 -1.77 3.63
CA PRO A 91 -14.22 -1.15 3.78
C PRO A 91 -14.22 0.38 3.73
N SER A 92 -15.37 1.03 3.50
CA SER A 92 -15.43 2.47 3.74
C SER A 92 -15.45 2.78 5.23
N ASN A 93 -15.55 1.76 6.08
CA ASN A 93 -15.35 1.91 7.52
C ASN A 93 -13.85 1.94 7.79
N THR A 94 -13.29 3.15 7.82
CA THR A 94 -11.84 3.30 7.92
C THR A 94 -11.36 3.99 9.18
N THR A 95 -12.19 4.77 9.86
CA THR A 95 -11.75 5.49 11.04
C THR A 95 -12.67 5.25 12.22
N PRO A 96 -12.17 5.41 13.45
N PRO A 96 -12.17 5.39 13.45
CA PRO A 96 -13.06 5.26 14.61
CA PRO A 96 -13.06 5.25 14.61
C PRO A 96 -14.18 6.29 14.66
C PRO A 96 -14.17 6.29 14.65
N GLU A 97 -13.88 7.55 14.31
CA GLU A 97 -14.93 8.58 14.29
C GLU A 97 -16.13 8.12 13.45
N GLY A 98 -15.87 7.57 12.27
CA GLY A 98 -16.96 7.15 11.40
C GLY A 98 -17.67 5.91 11.90
N VAL A 99 -16.91 4.94 12.42
CA VAL A 99 -17.52 3.71 12.90
C VAL A 99 -18.42 4.00 14.10
N ALA A 100 -17.95 4.85 15.02
CA ALA A 100 -18.78 5.22 16.16
C ALA A 100 -20.10 5.82 15.70
N ARG A 101 -20.03 6.82 14.83
CA ARG A 101 -21.22 7.50 14.33
C ARG A 101 -22.08 6.62 13.45
N ARG A 102 -21.67 5.37 13.20
CA ARG A 102 -22.48 4.46 12.40
C ARG A 102 -23.08 3.32 13.19
N TYR A 103 -22.43 2.86 14.27
CA TYR A 103 -22.86 1.66 14.96
C TYR A 103 -23.11 1.85 16.45
N GLY A 104 -23.22 3.09 16.93
CA GLY A 104 -23.87 3.33 18.21
C GLY A 104 -23.04 3.95 19.31
N GLY A 105 -22.19 4.91 18.97
CA GLY A 105 -21.43 5.60 19.99
C GLY A 105 -20.78 6.86 19.46
N GLU A 106 -19.79 7.34 20.20
CA GLU A 106 -19.07 8.56 19.84
C GLU A 106 -17.61 8.41 20.24
N TRP A 107 -16.71 8.67 19.28
CA TRP A 107 -15.28 8.58 19.51
C TRP A 107 -14.81 9.89 20.15
N THR A 108 -14.44 9.84 21.42
CA THR A 108 -13.99 11.00 22.16
C THR A 108 -12.47 10.94 22.35
N GLU A 109 -11.96 11.70 23.32
CA GLU A 109 -10.54 11.73 23.63
C GLU A 109 -10.24 11.22 25.04
N GLU A 110 -11.12 10.42 25.61
CA GLU A 110 -10.96 9.94 26.98
C GLU A 110 -10.88 8.42 26.98
N ALA A 111 -9.92 7.88 27.72
CA ALA A 111 -9.63 6.44 27.66
C ALA A 111 -10.85 5.63 28.05
N GLY A 112 -11.48 5.97 29.18
CA GLY A 112 -12.59 5.16 29.67
C GLY A 112 -13.76 5.13 28.71
N GLU A 113 -14.11 6.28 28.14
CA GLU A 113 -15.18 6.32 27.14
C GLU A 113 -14.79 5.51 25.90
N ARG A 114 -13.52 5.56 25.51
CA ARG A 114 -13.07 4.74 24.39
C ARG A 114 -13.14 3.26 24.73
N ALA A 115 -12.79 2.90 25.97
CA ALA A 115 -12.94 1.50 26.38
C ALA A 115 -14.41 1.08 26.37
N ALA A 116 -15.31 1.93 26.87
CA ALA A 116 -16.74 1.57 26.85
C ALA A 116 -17.28 1.55 25.42
N LEU A 117 -16.83 2.48 24.59
CA LEU A 117 -17.23 2.47 23.18
C LEU A 117 -16.77 1.18 22.50
N SER A 118 -15.52 0.77 22.73
CA SER A 118 -15.00 -0.47 22.14
C SER A 118 -15.89 -1.65 22.52
N GLU A 119 -16.40 -1.66 23.74
CA GLU A 119 -17.25 -2.76 24.20
C GLU A 119 -18.57 -2.79 23.43
N ARG A 120 -19.30 -1.67 23.42
CA ARG A 120 -20.58 -1.63 22.74
C ARG A 120 -20.43 -1.83 21.23
N LEU A 121 -19.34 -1.35 20.64
CA LEU A 121 -19.15 -1.50 19.21
C LEU A 121 -18.78 -2.93 18.83
N PHE A 122 -18.05 -3.65 19.70
CA PHE A 122 -17.77 -5.05 19.39
C PHE A 122 -19.02 -5.89 19.43
N ALA A 123 -19.88 -5.69 20.44
CA ALA A 123 -21.10 -6.45 20.52
C ALA A 123 -21.97 -6.23 19.30
N ASN A 124 -22.15 -4.96 18.91
CA ASN A 124 -23.02 -4.67 17.77
C ASN A 124 -22.44 -5.26 16.49
N LEU A 125 -21.17 -4.98 16.21
CA LEU A 125 -20.58 -5.43 14.95
C LEU A 125 -20.45 -6.95 14.90
N TRP A 126 -20.09 -7.57 16.02
CA TRP A 126 -20.04 -9.03 16.02
C TRP A 126 -21.40 -9.63 15.68
N GLY A 127 -22.47 -8.97 16.14
CA GLY A 127 -23.80 -9.44 15.81
C GLY A 127 -24.15 -9.24 14.35
N ARG A 128 -23.68 -8.14 13.76
CA ARG A 128 -23.93 -7.91 12.35
C ARG A 128 -23.25 -8.95 11.47
N LEU A 129 -22.22 -9.62 11.99
CA LEU A 129 -21.52 -10.65 11.25
C LEU A 129 -22.04 -12.06 11.51
N GLU A 130 -22.99 -12.21 12.43
CA GLU A 130 -23.61 -13.52 12.62
C GLU A 130 -24.20 -13.97 11.30
N GLY A 131 -23.76 -15.13 10.82
CA GLY A 131 -24.22 -15.67 9.57
C GLY A 131 -23.34 -15.33 8.38
N GLU A 132 -22.49 -14.31 8.50
CA GLU A 132 -21.56 -13.95 7.43
C GLU A 132 -20.32 -14.83 7.55
N GLU A 133 -20.49 -16.09 7.17
CA GLU A 133 -19.45 -17.09 7.42
C GLU A 133 -18.14 -16.73 6.73
N ARG A 134 -18.21 -16.22 5.51
CA ARG A 134 -16.97 -15.94 4.78
C ARG A 134 -16.25 -14.73 5.37
N LEU A 135 -17.00 -13.70 5.78
CA LEU A 135 -16.37 -12.58 6.45
C LEU A 135 -15.82 -12.98 7.82
N LEU A 136 -16.46 -13.93 8.50
CA LEU A 136 -15.94 -14.39 9.78
C LEU A 136 -14.67 -15.21 9.59
N TRP A 137 -14.58 -15.96 8.50
CA TRP A 137 -13.34 -16.66 8.20
C TRP A 137 -12.21 -15.67 7.95
N LEU A 138 -12.46 -14.63 7.15
CA LEU A 138 -11.43 -13.63 6.91
C LEU A 138 -11.02 -12.96 8.22
N TYR A 139 -11.96 -12.77 9.15
CA TYR A 139 -11.60 -12.12 10.41
C TYR A 139 -10.72 -13.03 11.26
N ARG A 140 -11.17 -14.26 11.49
N ARG A 140 -11.16 -14.27 11.46
CA ARG A 140 -10.44 -15.16 12.37
CA ARG A 140 -10.45 -15.17 12.37
C ARG A 140 -9.13 -15.63 11.75
C ARG A 140 -9.16 -15.69 11.77
N GLU A 141 -9.15 -15.93 10.46
CA GLU A 141 -8.01 -16.57 9.81
C GLU A 141 -7.04 -15.60 9.17
N VAL A 142 -7.43 -14.35 8.96
CA VAL A 142 -6.54 -13.42 8.28
C VAL A 142 -6.37 -12.16 9.10
N GLU A 143 -7.45 -11.41 9.31
CA GLU A 143 -7.26 -10.02 9.76
C GLU A 143 -6.87 -9.94 11.22
N ARG A 144 -7.54 -10.70 12.10
CA ARG A 144 -7.17 -10.62 13.51
C ARG A 144 -5.77 -11.14 13.77
N PRO A 145 -5.37 -12.33 13.28
CA PRO A 145 -3.97 -12.72 13.44
C PRO A 145 -3.01 -11.79 12.71
N LEU A 146 -3.40 -11.24 11.55
CA LEU A 146 -2.51 -10.33 10.84
C LEU A 146 -2.16 -9.11 11.70
N SER A 147 -3.08 -8.64 12.54
CA SER A 147 -2.79 -7.46 13.35
C SER A 147 -1.57 -7.70 14.24
N ALA A 148 -1.37 -8.95 14.69
CA ALA A 148 -0.22 -9.27 15.54
C ALA A 148 1.07 -9.25 14.74
N VAL A 149 1.05 -9.79 13.51
CA VAL A 149 2.23 -9.72 12.65
C VAL A 149 2.62 -8.28 12.40
N LEU A 150 1.63 -7.43 12.10
CA LEU A 150 1.91 -6.04 11.76
C LEU A 150 2.47 -5.27 12.96
N ALA A 151 1.94 -5.54 14.15
CA ALA A 151 2.48 -4.87 15.34
C ALA A 151 3.96 -5.16 15.48
N HIS A 152 4.37 -6.41 15.25
CA HIS A 152 5.79 -6.75 15.34
C HIS A 152 6.61 -6.07 14.24
N MET A 153 6.06 -5.98 13.03
CA MET A 153 6.79 -5.31 11.97
C MET A 153 6.99 -3.83 12.33
N GLU A 154 5.91 -3.17 12.78
CA GLU A 154 6.00 -1.76 13.15
C GLU A 154 7.05 -1.54 14.24
N ALA A 155 7.04 -2.38 15.29
CA ALA A 155 7.97 -2.18 16.39
C ALA A 155 9.41 -2.54 16.04
N THR A 156 9.62 -3.41 15.06
CA THR A 156 10.99 -3.78 14.66
C THR A 156 11.67 -2.67 13.88
N GLY A 157 11.00 -2.15 12.85
CA GLY A 157 11.59 -1.11 12.02
C GLY A 157 12.61 -1.63 11.03
N VAL A 158 13.22 -0.69 10.31
CA VAL A 158 14.19 -1.02 9.26
C VAL A 158 15.38 -0.08 9.41
N ARG A 159 16.57 -0.60 9.15
CA ARG A 159 17.79 0.18 9.27
C ARG A 159 18.00 1.03 8.04
N LEU A 160 18.50 2.22 8.24
CA LEU A 160 18.67 3.21 7.19
C LEU A 160 20.09 3.73 7.26
N ASP A 161 20.74 3.90 6.10
CA ASP A 161 22.09 4.45 6.04
C ASP A 161 21.97 5.97 6.02
N VAL A 162 22.03 6.56 7.23
CA VAL A 162 21.71 7.97 7.38
C VAL A 162 22.80 8.85 6.80
N ALA A 163 24.06 8.55 7.12
CA ALA A 163 25.17 9.37 6.62
C ALA A 163 25.17 9.38 5.09
N TYR A 164 24.82 8.25 4.49
CA TYR A 164 24.68 8.15 3.04
C TYR A 164 23.65 9.16 2.53
N LEU A 165 22.45 9.14 3.10
CA LEU A 165 21.40 10.03 2.64
C LEU A 165 21.75 11.49 2.92
N ARG A 166 22.43 11.78 4.03
CA ARG A 166 22.89 13.14 4.29
C ARG A 166 23.81 13.62 3.18
N ALA A 167 24.78 12.79 2.78
CA ALA A 167 25.68 13.15 1.70
C ALA A 167 24.92 13.29 0.38
N LEU A 168 23.89 12.46 0.18
CA LEU A 168 23.15 12.50 -1.07
C LEU A 168 22.34 13.79 -1.18
N SER A 169 21.71 14.23 -0.08
CA SER A 169 20.98 15.50 -0.10
C SER A 169 21.86 16.64 -0.60
N LEU A 170 23.11 16.72 -0.12
CA LEU A 170 23.98 17.81 -0.53
C LEU A 170 24.30 17.73 -2.01
N GLU A 171 24.51 16.51 -2.53
CA GLU A 171 24.76 16.36 -3.96
C GLU A 171 23.53 16.72 -4.78
N VAL A 172 22.35 16.26 -4.36
CA VAL A 172 21.12 16.52 -5.11
C VAL A 172 20.80 18.01 -5.08
N ALA A 173 21.07 18.69 -3.97
CA ALA A 173 20.87 20.12 -3.88
C ALA A 173 21.66 20.84 -4.98
N GLU A 174 22.93 20.44 -5.15
CA GLU A 174 23.77 21.08 -6.15
C GLU A 174 23.15 20.96 -7.53
N GLU A 175 22.60 19.79 -7.87
CA GLU A 175 22.02 19.60 -9.18
C GLU A 175 20.71 20.38 -9.31
N ILE A 176 19.92 20.44 -8.23
CA ILE A 176 18.70 21.25 -8.24
C ILE A 176 19.04 22.70 -8.54
N ALA A 177 20.10 23.24 -7.93
CA ALA A 177 20.44 24.64 -8.14
C ALA A 177 20.83 24.91 -9.59
N ARG A 178 21.58 23.98 -10.21
CA ARG A 178 21.96 24.17 -11.62
C ARG A 178 20.74 24.12 -12.53
N LEU A 179 19.83 23.16 -12.32
CA LEU A 179 18.63 23.09 -13.13
C LEU A 179 17.77 24.34 -12.96
N GLU A 180 17.65 24.83 -11.73
CA GLU A 180 16.88 26.04 -11.48
C GLU A 180 17.44 27.21 -12.27
N ALA A 181 18.77 27.43 -12.18
CA ALA A 181 19.40 28.49 -12.93
C ALA A 181 19.10 28.34 -14.42
N GLU A 182 19.14 27.12 -14.93
CA GLU A 182 18.85 26.90 -16.35
C GLU A 182 17.40 27.28 -16.66
N VAL A 183 16.48 26.94 -15.75
CA VAL A 183 15.07 27.29 -15.96
C VAL A 183 14.89 28.80 -15.96
N PHE A 184 15.38 29.47 -14.91
CA PHE A 184 15.24 30.92 -14.85
C PHE A 184 15.83 31.58 -16.09
N ARG A 185 16.98 31.09 -16.55
CA ARG A 185 17.61 31.69 -17.72
C ARG A 185 16.76 31.46 -18.96
N LEU A 186 16.29 30.23 -19.18
CA LEU A 186 15.44 29.94 -20.33
C LEU A 186 14.11 30.66 -20.25
N ALA A 187 13.67 31.03 -19.05
CA ALA A 187 12.46 31.83 -18.91
C ALA A 187 12.73 33.33 -18.98
N GLY A 188 13.98 33.75 -18.84
CA GLY A 188 14.31 35.16 -18.85
C GLY A 188 14.12 35.87 -17.52
N HIS A 189 13.71 35.17 -16.47
CA HIS A 189 13.55 35.79 -15.17
C HIS A 189 13.29 34.69 -14.14
N PRO A 190 13.60 34.94 -12.88
CA PRO A 190 13.28 33.97 -11.83
C PRO A 190 11.82 34.04 -11.42
N PHE A 191 11.39 32.98 -10.74
CA PHE A 191 10.07 32.83 -10.15
C PHE A 191 10.12 31.58 -9.28
N ASN A 192 9.02 31.27 -8.60
CA ASN A 192 8.99 30.10 -7.74
C ASN A 192 8.63 28.89 -8.59
N LEU A 193 9.66 28.13 -8.95
CA LEU A 193 9.46 26.95 -9.77
C LEU A 193 8.66 25.87 -9.04
N ASN A 194 8.53 25.97 -7.71
CA ASN A 194 7.67 25.06 -6.93
C ASN A 194 6.20 25.43 -6.99
N SER A 195 5.84 26.59 -7.54
CA SER A 195 4.46 27.03 -7.59
C SER A 195 3.90 26.68 -8.97
N ARG A 196 2.93 25.76 -9.01
CA ARG A 196 2.37 25.40 -10.31
C ARG A 196 1.61 26.56 -10.92
N ASP A 197 1.10 27.48 -10.10
CA ASP A 197 0.44 28.67 -10.66
C ASP A 197 1.45 29.55 -11.39
N GLN A 198 2.60 29.82 -10.77
CA GLN A 198 3.60 30.66 -11.43
C GLN A 198 4.15 29.98 -12.67
N LEU A 199 4.41 28.67 -12.59
CA LEU A 199 4.89 27.96 -13.76
C LEU A 199 3.87 27.99 -14.91
N GLU A 200 2.60 27.82 -14.59
CA GLU A 200 1.56 27.87 -15.60
C GLU A 200 1.63 29.17 -16.40
N ARG A 201 1.70 30.30 -15.71
CA ARG A 201 1.79 31.58 -16.40
C ARG A 201 3.03 31.63 -17.29
N VAL A 202 4.16 31.11 -16.81
CA VAL A 202 5.40 31.21 -17.56
C VAL A 202 5.34 30.33 -18.81
N LEU A 203 4.81 29.12 -18.68
CA LEU A 203 4.79 28.21 -19.83
C LEU A 203 3.79 28.67 -20.88
N PHE A 204 2.56 28.94 -20.46
CA PHE A 204 1.47 29.10 -21.42
C PHE A 204 1.15 30.54 -21.78
N ASP A 205 1.50 31.51 -20.91
CA ASP A 205 1.29 32.92 -21.23
C ASP A 205 2.54 33.58 -21.76
N GLU A 206 3.67 33.48 -21.05
CA GLU A 206 4.88 34.13 -21.48
C GLU A 206 5.50 33.42 -22.67
N LEU A 207 5.74 32.12 -22.55
CA LEU A 207 6.33 31.34 -23.64
C LEU A 207 5.31 30.88 -24.67
N GLY A 208 4.03 31.10 -24.43
CA GLY A 208 3.05 30.84 -25.46
C GLY A 208 2.95 29.39 -25.88
N LEU A 209 3.45 28.47 -25.06
CA LEU A 209 3.33 27.07 -25.37
C LEU A 209 1.85 26.66 -25.36
N PRO A 210 1.48 25.62 -26.11
CA PRO A 210 0.08 25.20 -26.15
C PRO A 210 -0.32 24.46 -24.88
N ALA A 211 -1.49 24.83 -24.33
CA ALA A 211 -2.01 24.12 -23.18
C ALA A 211 -2.57 22.76 -23.63
N ILE A 212 -2.12 21.69 -22.97
CA ILE A 212 -2.57 20.35 -23.36
C ILE A 212 -3.85 19.96 -22.63
N GLY A 213 -3.92 20.23 -21.33
CA GLY A 213 -5.05 19.80 -20.54
C GLY A 213 -5.30 20.76 -19.40
N LYS A 214 -6.44 20.56 -18.73
CA LYS A 214 -6.86 21.40 -17.63
C LYS A 214 -7.10 20.56 -16.38
N THR A 215 -7.00 21.23 -15.23
CA THR A 215 -7.11 20.57 -13.93
C THR A 215 -8.58 20.44 -13.54
N GLU A 216 -8.86 19.50 -12.62
CA GLU A 216 -10.22 19.02 -12.44
C GLU A 216 -11.14 20.08 -11.82
N LYS A 217 -10.78 20.60 -10.64
CA LYS A 217 -11.75 21.39 -9.88
C LYS A 217 -11.73 22.87 -10.24
N THR A 218 -10.59 23.42 -10.64
CA THR A 218 -10.48 24.84 -10.91
C THR A 218 -10.24 25.14 -12.38
N GLY A 219 -10.04 24.14 -13.22
CA GLY A 219 -9.90 24.42 -14.64
C GLY A 219 -8.64 25.19 -15.01
N LYS A 220 -7.60 25.14 -14.18
CA LYS A 220 -6.35 25.75 -14.58
C LYS A 220 -5.69 24.90 -15.66
N ARG A 221 -4.79 25.52 -16.41
CA ARG A 221 -4.01 24.79 -17.39
C ARG A 221 -2.98 23.95 -16.65
N SER A 222 -3.04 22.63 -16.82
CA SER A 222 -2.21 21.71 -16.05
C SER A 222 -0.74 21.83 -16.43
N THR A 223 0.11 21.61 -15.43
CA THR A 223 1.55 21.50 -15.61
C THR A 223 2.04 20.11 -15.22
N SER A 224 1.16 19.12 -15.30
CA SER A 224 1.50 17.75 -14.92
C SER A 224 2.60 17.19 -15.82
N ALA A 225 3.28 16.15 -15.32
CA ALA A 225 4.32 15.50 -16.08
C ALA A 225 3.83 15.07 -17.46
N ALA A 226 2.58 14.61 -17.54
CA ALA A 226 2.07 14.15 -18.82
C ALA A 226 1.97 15.30 -19.81
N VAL A 227 1.52 16.47 -19.35
CA VAL A 227 1.46 17.65 -20.20
C VAL A 227 2.87 18.06 -20.63
N LEU A 228 3.80 18.07 -19.68
CA LEU A 228 5.18 18.41 -20.00
C LEU A 228 5.80 17.38 -20.93
N GLU A 229 5.50 16.10 -20.74
CA GLU A 229 5.98 15.08 -21.67
C GLU A 229 5.52 15.42 -23.08
N ALA A 230 4.24 15.76 -23.22
CA ALA A 230 3.72 16.15 -24.53
C ALA A 230 4.47 17.36 -25.10
N LEU A 231 5.01 18.23 -24.25
CA LEU A 231 5.68 19.44 -24.71
C LEU A 231 7.21 19.30 -24.68
N ARG A 232 7.73 18.08 -24.60
CA ARG A 232 9.15 17.88 -24.32
C ARG A 232 10.03 18.43 -25.42
N GLU A 233 9.53 18.47 -26.66
CA GLU A 233 10.28 19.02 -27.79
C GLU A 233 9.81 20.42 -28.17
N ALA A 234 8.68 20.89 -27.64
CA ALA A 234 8.16 22.20 -28.01
C ALA A 234 8.98 23.33 -27.41
N HIS A 235 9.80 23.04 -26.40
CA HIS A 235 10.70 24.05 -25.85
C HIS A 235 11.71 23.36 -24.93
N PRO A 236 13.00 23.75 -24.96
CA PRO A 236 13.98 23.05 -24.12
C PRO A 236 13.71 23.18 -22.63
N ILE A 237 13.02 24.25 -22.19
CA ILE A 237 12.78 24.45 -20.77
C ILE A 237 11.98 23.29 -20.18
N VAL A 238 11.15 22.64 -20.99
CA VAL A 238 10.27 21.60 -20.45
C VAL A 238 11.10 20.45 -19.91
N GLU A 239 12.08 19.99 -20.68
CA GLU A 239 12.95 18.91 -20.22
C GLU A 239 13.59 19.25 -18.88
N LYS A 240 14.00 20.49 -18.69
CA LYS A 240 14.66 20.88 -17.45
C LYS A 240 13.67 20.90 -16.29
N ILE A 241 12.45 21.38 -16.54
CA ILE A 241 11.42 21.36 -15.51
C ILE A 241 11.10 19.93 -15.09
N LEU A 242 11.08 19.01 -16.05
CA LEU A 242 10.83 17.61 -15.72
C LEU A 242 11.93 17.07 -14.83
N GLN A 243 13.18 17.48 -15.07
CA GLN A 243 14.30 17.03 -14.23
C GLN A 243 14.25 17.70 -12.86
N TYR A 244 13.92 18.98 -12.81
CA TYR A 244 13.79 19.70 -11.54
C TYR A 244 12.69 19.06 -10.68
N ARG A 245 11.54 18.75 -11.29
CA ARG A 245 10.48 18.08 -10.55
C ARG A 245 10.94 16.75 -9.97
N GLU A 246 11.66 15.96 -10.75
CA GLU A 246 12.11 14.65 -10.27
C GLU A 246 13.01 14.81 -9.05
N LEU A 247 14.02 15.67 -9.15
CA LEU A 247 14.97 15.82 -8.05
C LEU A 247 14.31 16.44 -6.82
N THR A 248 13.47 17.47 -7.00
CA THR A 248 12.86 18.09 -5.82
C THR A 248 11.84 17.15 -5.17
N LYS A 249 11.12 16.36 -5.95
CA LYS A 249 10.20 15.38 -5.39
C LYS A 249 10.96 14.41 -4.51
N LEU A 250 12.06 13.86 -5.01
CA LEU A 250 12.77 12.84 -4.23
C LEU A 250 13.48 13.45 -3.04
N LYS A 251 14.04 14.65 -3.19
CA LYS A 251 14.73 15.27 -2.06
C LYS A 251 13.74 15.62 -0.94
N SER A 252 12.64 16.30 -1.29
CA SER A 252 11.70 16.76 -0.28
C SER A 252 10.90 15.62 0.35
N THR A 253 10.63 14.54 -0.38
CA THR A 253 9.76 13.48 0.14
C THR A 253 10.53 12.36 0.79
N TYR A 254 11.77 12.08 0.37
CA TYR A 254 12.48 10.91 0.88
C TYR A 254 13.85 11.26 1.47
N ILE A 255 14.73 11.86 0.66
CA ILE A 255 16.12 12.00 1.06
C ILE A 255 16.25 12.81 2.35
N ASP A 256 15.53 13.92 2.43
CA ASP A 256 15.71 14.82 3.55
C ASP A 256 14.90 14.40 4.76
N PRO A 257 13.62 14.04 4.63
CA PRO A 257 12.82 13.76 5.83
C PRO A 257 13.13 12.42 6.49
N LEU A 258 13.54 11.41 5.71
CA LEU A 258 13.69 10.07 6.28
C LEU A 258 14.77 10.02 7.35
N PRO A 259 15.97 10.56 7.14
CA PRO A 259 16.98 10.52 8.21
C PRO A 259 16.51 11.13 9.51
N ASP A 260 15.57 12.08 9.48
CA ASP A 260 15.12 12.72 10.71
C ASP A 260 14.10 11.88 11.46
N LEU A 261 13.77 10.69 10.98
CA LEU A 261 12.76 9.85 11.63
C LEU A 261 13.34 8.63 12.32
N ILE A 262 14.67 8.55 12.46
CA ILE A 262 15.27 7.42 13.17
C ILE A 262 14.89 7.50 14.63
N HIS A 263 14.45 6.39 15.19
CA HIS A 263 14.00 6.37 16.57
C HIS A 263 15.20 6.25 17.50
N PRO A 264 15.24 7.01 18.59
CA PRO A 264 16.47 7.02 19.42
C PRO A 264 16.76 5.70 20.12
N ARG A 265 15.74 4.94 20.50
CA ARG A 265 15.97 3.71 21.25
C ARG A 265 16.28 2.53 20.35
N THR A 266 15.68 2.49 19.16
CA THR A 266 15.88 1.37 18.24
C THR A 266 17.00 1.64 17.26
N GLY A 267 17.29 2.91 16.99
CA GLY A 267 18.19 3.24 15.91
C GLY A 267 17.66 2.91 14.54
N ARG A 268 16.35 2.73 14.38
CA ARG A 268 15.76 2.31 13.11
C ARG A 268 14.55 3.18 12.76
N LEU A 269 14.05 2.95 11.55
CA LEU A 269 12.94 3.70 10.99
C LEU A 269 11.67 2.87 11.08
N HIS A 270 10.60 3.45 11.63
CA HIS A 270 9.36 2.71 11.89
C HIS A 270 8.20 3.30 11.11
N THR A 271 7.62 2.50 10.21
CA THR A 271 6.39 2.88 9.53
C THR A 271 5.19 2.36 10.31
N ARG A 272 4.01 2.77 9.87
CA ARG A 272 2.75 2.19 10.35
C ARG A 272 2.09 1.43 9.21
N PHE A 273 1.60 0.22 9.49
CA PHE A 273 0.89 -0.58 8.50
C PHE A 273 -0.60 -0.54 8.83
N ASN A 274 -1.35 0.31 8.10
CA ASN A 274 -2.75 0.56 8.39
C ASN A 274 -3.60 -0.56 7.80
N GLN A 275 -4.44 -1.15 8.63
CA GLN A 275 -5.18 -2.34 8.26
C GLN A 275 -6.59 -2.06 7.78
N THR A 276 -7.09 -0.84 7.96
CA THR A 276 -8.45 -0.50 7.53
C THR A 276 -8.46 0.83 6.79
N ALA A 277 -7.70 0.87 5.69
CA ALA A 277 -7.45 2.12 5.00
C ALA A 277 -7.79 2.10 3.52
N THR A 278 -8.00 0.94 2.90
CA THR A 278 -8.22 0.85 1.46
C THR A 278 -9.56 0.21 1.15
N ALA A 279 -10.11 0.54 -0.02
CA ALA A 279 -11.38 -0.03 -0.44
C ALA A 279 -11.27 -1.47 -0.94
N THR A 280 -10.06 -1.98 -1.15
CA THR A 280 -9.85 -3.29 -1.77
C THR A 280 -9.34 -4.37 -0.81
N GLY A 281 -8.94 -4.01 0.40
CA GLY A 281 -8.32 -4.98 1.30
C GLY A 281 -6.79 -4.92 1.30
N ARG A 282 -6.20 -4.10 0.46
CA ARG A 282 -4.78 -3.78 0.61
C ARG A 282 -4.51 -3.11 1.95
N LEU A 283 -3.30 -3.32 2.44
CA LEU A 283 -2.76 -2.45 3.49
C LEU A 283 -2.39 -1.09 2.91
N SER A 284 -2.15 -0.12 3.79
CA SER A 284 -1.42 1.09 3.45
C SER A 284 -0.32 1.29 4.47
N SER A 285 0.59 2.20 4.17
CA SER A 285 1.71 2.49 5.04
C SER A 285 1.82 3.99 5.19
N SER A 286 2.13 4.46 6.40
CA SER A 286 2.20 5.91 6.61
C SER A 286 3.13 6.24 7.77
N ASP A 287 3.60 7.48 7.77
CA ASP A 287 4.28 8.11 8.89
C ASP A 287 5.60 7.41 9.24
N PRO A 288 6.47 7.13 8.26
CA PRO A 288 6.35 7.49 6.85
C PRO A 288 5.83 6.33 6.01
N ASN A 289 5.31 6.64 4.83
CA ASN A 289 4.95 5.61 3.85
C ASN A 289 6.20 4.92 3.34
N LEU A 290 6.37 3.63 3.66
CA LEU A 290 7.49 2.86 3.17
C LEU A 290 7.08 1.93 2.04
N GLN A 291 5.86 2.07 1.52
CA GLN A 291 5.38 1.36 0.35
C GLN A 291 5.51 2.18 -0.95
N ASN A 292 6.06 3.38 -0.91
CA ASN A 292 6.33 4.10 -2.15
C ASN A 292 7.73 4.67 -2.15
N ILE A 293 8.68 3.91 -1.63
CA ILE A 293 10.09 4.31 -1.73
C ILE A 293 10.52 4.25 -3.19
N PRO A 294 11.24 5.25 -3.70
CA PRO A 294 11.68 5.23 -5.11
C PRO A 294 12.42 3.97 -5.49
N VAL A 295 12.29 3.59 -6.76
CA VAL A 295 13.04 2.46 -7.31
C VAL A 295 13.26 2.61 -8.81
N ARG A 296 12.47 3.48 -9.46
CA ARG A 296 12.42 3.49 -10.92
C ARG A 296 13.65 4.13 -11.53
N THR A 297 14.00 5.33 -11.09
CA THR A 297 15.06 6.11 -11.73
C THR A 297 16.41 5.84 -11.07
N PRO A 298 17.51 6.22 -11.72
CA PRO A 298 18.82 6.00 -11.08
C PRO A 298 18.95 6.67 -9.73
N LEU A 299 18.41 7.88 -9.57
CA LEU A 299 18.42 8.50 -8.25
C LEU A 299 17.49 7.78 -7.29
N GLY A 300 16.34 7.32 -7.78
CA GLY A 300 15.47 6.53 -6.93
C GLY A 300 16.16 5.28 -6.43
N GLN A 301 16.97 4.65 -7.29
CA GLN A 301 17.70 3.45 -6.89
C GLN A 301 18.70 3.77 -5.79
N ARG A 302 19.37 4.92 -5.88
CA ARG A 302 20.32 5.30 -4.84
C ARG A 302 19.61 5.47 -3.50
N ILE A 303 18.40 6.01 -3.52
CA ILE A 303 17.61 6.13 -2.29
C ILE A 303 17.27 4.76 -1.73
N ARG A 304 16.83 3.86 -2.61
CA ARG A 304 16.43 2.54 -2.13
C ARG A 304 17.61 1.80 -1.51
N ARG A 305 18.83 2.01 -2.02
CA ARG A 305 20.03 1.39 -1.45
C ARG A 305 20.30 1.81 -0.01
N ALA A 306 19.66 2.88 0.48
CA ALA A 306 19.85 3.33 1.86
C ALA A 306 19.16 2.43 2.88
N PHE A 307 18.22 1.59 2.46
CA PHE A 307 17.54 0.64 3.33
C PHE A 307 18.41 -0.61 3.41
N ILE A 308 19.00 -0.85 4.58
CA ILE A 308 20.07 -1.83 4.72
C ILE A 308 19.75 -2.80 5.85
N ALA A 309 20.50 -3.89 5.89
CA ALA A 309 20.38 -4.87 6.96
C ALA A 309 21.23 -4.47 8.15
N GLU A 310 20.80 -4.89 9.33
CA GLU A 310 21.68 -4.82 10.50
C GLU A 310 22.97 -5.59 10.23
N GLU A 311 24.06 -5.14 10.86
CA GLU A 311 25.34 -5.83 10.72
C GLU A 311 25.20 -7.28 11.19
N GLY A 312 25.72 -8.21 10.39
CA GLY A 312 25.57 -9.62 10.66
C GLY A 312 24.27 -10.22 10.16
N TRP A 313 23.46 -9.43 9.45
CA TRP A 313 22.19 -9.86 8.88
C TRP A 313 22.19 -9.55 7.39
N LEU A 314 21.16 -10.07 6.69
CA LEU A 314 20.94 -9.77 5.27
C LEU A 314 19.47 -9.54 5.04
N LEU A 315 19.16 -8.71 4.04
CA LEU A 315 17.78 -8.52 3.63
C LEU A 315 17.38 -9.62 2.67
N VAL A 316 16.13 -10.03 2.76
CA VAL A 316 15.54 -10.99 1.82
C VAL A 316 14.28 -10.36 1.27
N ALA A 317 14.23 -10.18 -0.05
CA ALA A 317 13.09 -9.58 -0.71
C ALA A 317 12.42 -10.61 -1.61
N LEU A 318 11.10 -10.71 -1.49
CA LEU A 318 10.29 -11.68 -2.23
C LEU A 318 9.10 -10.95 -2.83
N ASP A 319 8.77 -11.28 -4.08
CA ASP A 319 7.80 -10.52 -4.84
C ASP A 319 7.10 -11.45 -5.80
N TYR A 320 5.78 -11.59 -5.66
CA TYR A 320 5.00 -12.42 -6.56
C TYR A 320 5.16 -11.96 -8.00
N SER A 321 5.25 -12.94 -8.90
CA SER A 321 5.37 -12.67 -10.32
C SER A 321 3.99 -12.37 -10.91
N GLN A 322 3.90 -11.24 -11.61
CA GLN A 322 2.72 -10.89 -12.45
C GLN A 322 1.41 -11.17 -11.72
N ILE A 323 1.32 -10.68 -10.48
CA ILE A 323 0.38 -11.28 -9.53
C ILE A 323 -1.06 -11.07 -9.98
N GLU A 324 -1.45 -9.83 -10.30
CA GLU A 324 -2.86 -9.62 -10.64
C GLU A 324 -3.21 -10.33 -11.96
N LEU A 325 -2.24 -10.54 -12.85
CA LEU A 325 -2.54 -11.33 -14.06
C LEU A 325 -2.76 -12.80 -13.72
N ARG A 326 -1.98 -13.35 -12.79
CA ARG A 326 -2.25 -14.72 -12.38
C ARG A 326 -3.61 -14.82 -11.70
N VAL A 327 -3.92 -13.86 -10.81
CA VAL A 327 -5.23 -13.84 -10.16
C VAL A 327 -6.34 -13.77 -11.20
N LEU A 328 -6.20 -12.87 -12.19
CA LEU A 328 -7.21 -12.74 -13.24
C LEU A 328 -7.43 -14.07 -13.96
N ALA A 329 -6.34 -14.76 -14.31
CA ALA A 329 -6.46 -16.10 -14.89
C ALA A 329 -7.34 -17.00 -14.04
N HIS A 330 -7.11 -17.00 -12.72
CA HIS A 330 -7.92 -17.86 -11.85
C HIS A 330 -9.36 -17.39 -11.79
N LEU A 331 -9.58 -16.07 -11.63
CA LEU A 331 -10.93 -15.57 -11.44
C LEU A 331 -11.75 -15.73 -12.70
N SER A 332 -11.15 -15.45 -13.87
CA SER A 332 -11.86 -15.48 -15.13
C SER A 332 -11.99 -16.89 -15.69
N GLY A 333 -11.01 -17.74 -15.44
CA GLY A 333 -11.00 -19.05 -16.08
C GLY A 333 -10.61 -19.02 -17.53
N ASP A 334 -10.00 -17.93 -18.00
CA ASP A 334 -9.57 -17.89 -19.39
C ASP A 334 -8.52 -18.96 -19.64
N GLU A 335 -8.85 -19.90 -20.52
CA GLU A 335 -7.92 -20.98 -20.81
C GLU A 335 -6.61 -20.45 -21.38
N ASN A 336 -6.71 -19.44 -22.24
CA ASN A 336 -5.52 -18.89 -22.90
C ASN A 336 -4.58 -18.24 -21.88
N LEU A 337 -5.13 -17.47 -20.94
CA LEU A 337 -4.29 -16.80 -19.97
C LEU A 337 -3.65 -17.80 -19.04
N ILE A 338 -4.41 -18.82 -18.62
CA ILE A 338 -3.84 -19.90 -17.80
C ILE A 338 -2.63 -20.49 -18.50
N ARG A 339 -2.79 -20.93 -19.75
CA ARG A 339 -1.68 -21.56 -20.47
C ARG A 339 -0.46 -20.65 -20.52
N VAL A 340 -0.67 -19.33 -20.52
CA VAL A 340 0.46 -18.39 -20.51
C VAL A 340 1.36 -18.69 -19.31
N PHE A 341 0.77 -18.91 -18.14
CA PHE A 341 1.56 -19.09 -16.93
C PHE A 341 2.01 -20.54 -16.74
N GLN A 342 1.20 -21.50 -17.19
CA GLN A 342 1.65 -22.88 -17.20
C GLN A 342 2.80 -23.10 -18.17
N GLU A 343 3.01 -22.19 -19.12
CA GLU A 343 4.15 -22.24 -20.03
C GLU A 343 5.29 -21.33 -19.58
N GLY A 344 5.20 -20.73 -18.40
CA GLY A 344 6.25 -19.88 -17.90
C GLY A 344 6.48 -18.60 -18.67
N ARG A 345 5.46 -18.11 -19.39
CA ARG A 345 5.63 -16.87 -20.14
C ARG A 345 5.52 -15.66 -19.23
N ASP A 346 6.04 -14.53 -19.72
CA ASP A 346 6.05 -13.26 -19.00
C ASP A 346 5.40 -12.21 -19.89
N ILE A 347 4.19 -11.77 -19.53
CA ILE A 347 3.45 -10.84 -20.36
C ILE A 347 4.03 -9.43 -20.27
N HIS A 348 4.67 -9.08 -19.14
CA HIS A 348 5.34 -7.78 -19.06
C HIS A 348 6.53 -7.73 -20.01
N THR A 349 7.31 -8.80 -20.06
CA THR A 349 8.45 -8.84 -20.98
C THR A 349 7.96 -8.83 -22.43
N GLU A 350 6.88 -9.55 -22.71
CA GLU A 350 6.39 -9.64 -24.08
C GLU A 350 5.80 -8.31 -24.53
N THR A 351 5.05 -7.64 -23.67
CA THR A 351 4.61 -6.29 -23.99
C THR A 351 5.80 -5.36 -24.16
N ALA A 352 6.83 -5.52 -23.32
CA ALA A 352 8.02 -4.69 -23.46
C ALA A 352 8.69 -4.89 -24.81
N SER A 353 8.89 -6.15 -25.20
CA SER A 353 9.56 -6.43 -26.48
C SER A 353 8.81 -5.80 -27.64
N TRP A 354 7.47 -5.83 -27.59
CA TRP A 354 6.67 -5.21 -28.64
C TRP A 354 6.75 -3.70 -28.59
N MET A 355 6.63 -3.12 -27.38
CA MET A 355 6.65 -1.68 -27.23
C MET A 355 7.92 -1.08 -27.82
N PHE A 356 9.07 -1.56 -27.39
CA PHE A 356 10.36 -1.03 -27.80
C PHE A 356 10.95 -1.76 -29.01
N GLY A 357 10.25 -2.74 -29.54
CA GLY A 357 10.71 -3.47 -30.71
C GLY A 357 12.09 -4.07 -30.53
N VAL A 358 12.26 -4.91 -29.52
CA VAL A 358 13.54 -5.56 -29.27
C VAL A 358 13.30 -6.96 -28.75
N PRO A 359 14.29 -7.86 -28.83
CA PRO A 359 14.11 -9.22 -28.31
C PRO A 359 13.91 -9.21 -26.80
N ARG A 360 13.26 -10.27 -26.32
CA ARG A 360 12.99 -10.36 -24.89
C ARG A 360 14.27 -10.32 -24.07
N GLU A 361 15.37 -10.82 -24.64
CA GLU A 361 16.65 -10.77 -23.94
C GLU A 361 17.09 -9.33 -23.69
N ALA A 362 16.66 -8.39 -24.54
CA ALA A 362 17.12 -7.01 -24.50
C ALA A 362 16.27 -6.12 -23.61
N VAL A 363 15.19 -6.63 -23.03
CA VAL A 363 14.34 -5.81 -22.16
C VAL A 363 15.08 -5.55 -20.85
N ASP A 364 15.16 -4.28 -20.47
CA ASP A 364 15.76 -3.90 -19.21
C ASP A 364 14.68 -3.57 -18.18
N PRO A 365 15.07 -3.34 -16.92
CA PRO A 365 14.05 -3.05 -15.90
C PRO A 365 13.20 -1.81 -16.18
N LEU A 366 13.79 -0.73 -16.70
CA LEU A 366 13.00 0.46 -17.00
C LEU A 366 11.96 0.16 -18.09
N MET A 367 12.31 -0.70 -19.04
CA MET A 367 11.38 -1.06 -20.11
C MET A 367 10.27 -1.96 -19.59
N ARG A 368 10.60 -2.93 -18.73
CA ARG A 368 9.59 -3.85 -18.22
C ARG A 368 8.57 -3.10 -17.36
N ARG A 369 9.03 -2.12 -16.57
CA ARG A 369 8.10 -1.32 -15.78
C ARG A 369 7.12 -0.58 -16.68
N ALA A 370 7.63 0.04 -17.74
CA ALA A 370 6.75 0.73 -18.67
C ALA A 370 5.69 -0.21 -19.22
N ALA A 371 6.10 -1.42 -19.62
CA ALA A 371 5.15 -2.41 -20.13
C ALA A 371 4.17 -2.82 -19.04
N LYS A 372 4.64 -2.92 -17.80
CA LYS A 372 3.75 -3.19 -16.69
C LYS A 372 2.57 -2.21 -16.68
N THR A 373 2.87 -0.91 -16.78
CA THR A 373 1.81 0.10 -16.74
C THR A 373 0.86 -0.06 -17.91
N ILE A 374 1.38 -0.40 -19.09
CA ILE A 374 0.51 -0.62 -20.24
C ILE A 374 -0.43 -1.78 -19.99
N ASN A 375 0.11 -2.90 -19.49
CA ASN A 375 -0.70 -4.11 -19.36
C ASN A 375 -1.82 -3.91 -18.37
N PHE A 376 -1.55 -3.25 -17.25
CA PHE A 376 -2.62 -3.03 -16.31
C PHE A 376 -3.46 -1.83 -16.73
N GLY A 377 -2.85 -0.82 -17.32
CA GLY A 377 -3.64 0.29 -17.84
C GLY A 377 -4.72 -0.20 -18.78
N VAL A 378 -4.34 -1.02 -19.75
CA VAL A 378 -5.30 -1.54 -20.72
C VAL A 378 -6.32 -2.42 -20.03
N LEU A 379 -5.86 -3.32 -19.15
CA LEU A 379 -6.74 -4.27 -18.51
C LEU A 379 -7.90 -3.57 -17.81
N TYR A 380 -7.60 -2.52 -17.04
CA TYR A 380 -8.57 -1.87 -16.19
C TYR A 380 -9.22 -0.67 -16.85
N GLY A 381 -9.08 -0.52 -18.15
CA GLY A 381 -9.93 0.33 -18.95
C GLY A 381 -9.34 1.60 -19.55
N MET A 382 -8.02 1.66 -19.73
CA MET A 382 -7.41 2.84 -20.35
C MET A 382 -7.97 3.07 -21.76
N SER A 383 -8.06 4.34 -22.14
CA SER A 383 -8.58 4.69 -23.46
C SER A 383 -7.48 4.63 -24.51
N ALA A 384 -7.89 4.32 -25.75
CA ALA A 384 -6.96 4.36 -26.86
C ALA A 384 -6.27 5.71 -26.94
N HIS A 385 -7.01 6.79 -26.71
CA HIS A 385 -6.43 8.13 -26.77
C HIS A 385 -5.23 8.24 -25.84
N ARG A 386 -5.43 7.94 -24.56
CA ARG A 386 -4.31 8.00 -23.63
C ARG A 386 -3.23 7.00 -24.02
N LEU A 387 -3.62 5.79 -24.43
CA LEU A 387 -2.63 4.79 -24.81
C LEU A 387 -1.79 5.30 -25.98
N SER A 388 -2.45 5.94 -26.94
CA SER A 388 -1.74 6.57 -28.05
C SER A 388 -0.67 7.52 -27.55
N GLN A 389 -0.96 8.28 -26.49
CA GLN A 389 0.00 9.24 -25.97
C GLN A 389 1.07 8.56 -25.13
N GLU A 390 0.72 7.50 -24.40
CA GLU A 390 1.71 6.82 -23.58
C GLU A 390 2.73 6.10 -24.45
N LEU A 391 2.29 5.41 -25.50
CA LEU A 391 3.18 4.68 -26.39
C LEU A 391 3.74 5.54 -27.52
N ALA A 392 3.24 6.77 -27.69
CA ALA A 392 3.72 7.65 -28.74
C ALA A 392 3.48 7.05 -30.12
N ILE A 393 2.29 6.48 -30.32
CA ILE A 393 1.92 5.88 -31.60
C ILE A 393 0.60 6.50 -32.04
N PRO A 394 0.25 6.35 -33.32
CA PRO A 394 -1.03 6.89 -33.80
C PRO A 394 -2.19 6.29 -33.04
N TYR A 395 -3.29 7.05 -32.98
CA TYR A 395 -4.50 6.59 -32.32
C TYR A 395 -4.92 5.22 -32.83
N GLU A 396 -4.88 5.02 -34.15
CA GLU A 396 -5.28 3.74 -34.73
C GLU A 396 -4.43 2.59 -34.19
N GLU A 397 -3.12 2.81 -34.05
CA GLU A 397 -2.24 1.72 -33.60
C GLU A 397 -2.45 1.42 -32.12
N ALA A 398 -2.88 2.42 -31.34
CA ALA A 398 -3.19 2.17 -29.94
C ALA A 398 -4.51 1.42 -29.80
N GLN A 399 -5.51 1.78 -30.60
CA GLN A 399 -6.78 1.06 -30.53
C GLN A 399 -6.62 -0.39 -30.96
N ALA A 400 -5.72 -0.66 -31.91
CA ALA A 400 -5.50 -2.02 -32.36
C ALA A 400 -4.84 -2.86 -31.28
N PHE A 401 -4.00 -2.25 -30.43
CA PHE A 401 -3.40 -3.00 -29.33
C PHE A 401 -4.45 -3.42 -28.31
N ILE A 402 -5.35 -2.51 -27.92
CA ILE A 402 -6.40 -2.86 -26.96
C ILE A 402 -7.26 -4.00 -27.50
N GLU A 403 -7.55 -3.98 -28.80
CA GLU A 403 -8.35 -5.04 -29.41
C GLU A 403 -7.66 -6.40 -29.28
N ARG A 404 -6.39 -6.48 -29.71
CA ARG A 404 -5.66 -7.74 -29.64
C ARG A 404 -5.58 -8.25 -28.20
N TYR A 405 -5.28 -7.35 -27.25
CA TYR A 405 -5.10 -7.71 -25.86
C TYR A 405 -6.26 -8.53 -25.34
N PHE A 406 -7.49 -8.04 -25.51
CA PHE A 406 -8.65 -8.76 -25.00
C PHE A 406 -9.06 -9.90 -25.93
N GLN A 407 -8.80 -9.79 -27.23
CA GLN A 407 -9.05 -10.93 -28.12
C GLN A 407 -8.23 -12.14 -27.66
N SER A 408 -7.00 -11.91 -27.20
CA SER A 408 -6.15 -13.01 -26.75
C SER A 408 -6.77 -13.76 -25.58
N PHE A 409 -7.54 -13.10 -24.73
CA PHE A 409 -8.08 -13.72 -23.52
C PHE A 409 -9.58 -13.46 -23.44
N PRO A 410 -10.36 -14.11 -24.31
CA PRO A 410 -11.78 -13.74 -24.45
C PRO A 410 -12.60 -13.92 -23.19
N LYS A 411 -12.19 -14.81 -22.29
CA LYS A 411 -12.95 -15.01 -21.06
C LYS A 411 -12.83 -13.83 -20.11
N VAL A 412 -11.92 -12.90 -20.37
CA VAL A 412 -11.71 -11.80 -19.43
C VAL A 412 -12.83 -10.79 -19.52
N ARG A 413 -13.15 -10.33 -20.73
CA ARG A 413 -14.27 -9.41 -20.87
C ARG A 413 -15.55 -10.06 -20.38
N ALA A 414 -15.69 -11.37 -20.62
CA ALA A 414 -16.85 -12.09 -20.09
C ALA A 414 -16.88 -12.01 -18.57
N TRP A 415 -15.72 -12.12 -17.92
CA TRP A 415 -15.69 -12.04 -16.47
C TRP A 415 -15.97 -10.61 -15.99
N ILE A 416 -15.41 -9.62 -16.69
CA ILE A 416 -15.69 -8.23 -16.36
C ILE A 416 -17.20 -7.99 -16.34
N GLU A 417 -17.90 -8.48 -17.36
CA GLU A 417 -19.32 -8.17 -17.45
C GLU A 417 -20.12 -8.91 -16.38
N LYS A 418 -19.78 -10.16 -16.11
CA LYS A 418 -20.45 -10.90 -15.04
C LYS A 418 -20.21 -10.23 -13.69
N THR A 419 -18.97 -9.77 -13.46
CA THR A 419 -18.66 -9.08 -12.21
C THR A 419 -19.50 -7.81 -12.07
N LEU A 420 -19.58 -7.01 -13.14
CA LEU A 420 -20.34 -5.77 -13.06
C LEU A 420 -21.82 -6.05 -12.91
N GLU A 421 -22.33 -7.06 -13.63
CA GLU A 421 -23.75 -7.39 -13.53
C GLU A 421 -24.10 -7.84 -12.12
N GLU A 422 -23.29 -8.73 -11.56
CA GLU A 422 -23.50 -9.13 -10.18
C GLU A 422 -23.36 -7.94 -9.23
N GLY A 423 -22.47 -6.99 -9.56
CA GLY A 423 -22.32 -5.82 -8.72
C GLY A 423 -23.52 -4.90 -8.76
N ARG A 424 -24.22 -4.87 -9.90
CA ARG A 424 -25.43 -4.06 -9.97
C ARG A 424 -26.55 -4.68 -9.15
N ARG A 425 -26.66 -6.00 -9.19
CA ARG A 425 -27.74 -6.69 -8.50
C ARG A 425 -27.51 -6.71 -6.99
N ARG A 426 -26.29 -7.06 -6.57
CA ARG A 426 -25.99 -7.19 -5.15
C ARG A 426 -25.56 -5.88 -4.50
N GLY A 427 -25.10 -4.90 -5.28
CA GLY A 427 -24.58 -3.66 -4.73
C GLY A 427 -23.12 -3.69 -4.35
N TYR A 428 -22.49 -4.87 -4.35
CA TYR A 428 -21.08 -4.99 -4.00
C TYR A 428 -20.43 -6.02 -4.91
N VAL A 429 -19.10 -5.92 -5.01
CA VAL A 429 -18.28 -6.93 -5.66
C VAL A 429 -17.43 -7.55 -4.55
N GLU A 430 -16.86 -8.72 -4.85
CA GLU A 430 -16.19 -9.48 -3.79
C GLU A 430 -14.95 -10.19 -4.32
N THR A 431 -13.99 -10.40 -3.42
CA THR A 431 -12.78 -11.12 -3.75
C THR A 431 -13.05 -12.62 -3.77
N LEU A 432 -12.01 -13.40 -4.09
CA LEU A 432 -12.13 -14.84 -4.09
C LEU A 432 -12.54 -15.36 -2.73
N PHE A 433 -12.16 -14.65 -1.67
CA PHE A 433 -12.44 -15.07 -0.31
C PHE A 433 -13.68 -14.42 0.28
N GLY A 434 -14.39 -13.61 -0.49
CA GLY A 434 -15.61 -13.01 0.00
C GLY A 434 -15.46 -11.64 0.61
N ARG A 435 -14.26 -11.03 0.59
CA ARG A 435 -14.15 -9.63 0.97
C ARG A 435 -14.95 -8.78 0.00
N ARG A 436 -15.78 -7.87 0.52
CA ARG A 436 -16.71 -7.09 -0.28
C ARG A 436 -16.28 -5.63 -0.39
N ARG A 437 -16.59 -5.03 -1.54
CA ARG A 437 -16.55 -3.58 -1.69
C ARG A 437 -17.89 -3.16 -2.28
N TYR A 438 -18.59 -2.26 -1.59
CA TYR A 438 -19.87 -1.75 -2.07
C TYR A 438 -19.65 -0.67 -3.12
N VAL A 439 -20.34 -0.78 -4.24
CA VAL A 439 -20.15 0.14 -5.35
C VAL A 439 -21.52 0.56 -5.86
N PRO A 440 -22.22 1.41 -5.12
CA PRO A 440 -23.59 1.79 -5.52
C PRO A 440 -23.64 2.60 -6.81
N ASP A 441 -22.54 3.21 -7.23
CA ASP A 441 -22.61 4.03 -8.45
C ASP A 441 -22.61 3.21 -9.73
N LEU A 442 -22.55 1.88 -9.64
CA LEU A 442 -22.80 1.07 -10.83
C LEU A 442 -24.14 1.37 -11.47
N GLU A 443 -25.07 1.95 -10.71
CA GLU A 443 -26.39 2.29 -11.23
C GLU A 443 -26.57 3.79 -11.36
N ALA A 444 -25.49 4.56 -11.31
CA ALA A 444 -25.56 6.00 -11.48
C ALA A 444 -26.12 6.34 -12.87
N ARG A 445 -26.86 7.44 -12.94
CA ARG A 445 -27.53 7.84 -14.16
C ARG A 445 -26.71 8.80 -15.01
N VAL A 446 -25.54 9.19 -14.54
CA VAL A 446 -24.57 9.96 -15.31
C VAL A 446 -23.49 9.00 -15.79
N LYS A 447 -23.27 8.97 -17.10
CA LYS A 447 -22.43 7.92 -17.67
C LYS A 447 -21.00 7.99 -17.14
N SER A 448 -20.39 9.17 -17.14
CA SER A 448 -19.01 9.29 -16.66
C SER A 448 -18.85 8.75 -15.23
N VAL A 449 -19.80 9.07 -14.36
CA VAL A 449 -19.75 8.57 -12.99
C VAL A 449 -19.88 7.05 -12.97
N ARG A 450 -20.86 6.53 -13.71
CA ARG A 450 -21.12 5.11 -13.73
C ARG A 450 -19.92 4.35 -14.25
N GLU A 451 -19.32 4.82 -15.34
CA GLU A 451 -18.20 4.06 -15.90
C GLU A 451 -16.97 4.13 -15.00
N ALA A 452 -16.79 5.22 -14.24
CA ALA A 452 -15.72 5.22 -13.24
C ALA A 452 -15.98 4.18 -12.16
N ALA A 453 -17.24 4.09 -11.71
CA ALA A 453 -17.60 3.07 -10.74
C ALA A 453 -17.33 1.68 -11.30
N GLU A 454 -17.59 1.47 -12.58
CA GLU A 454 -17.34 0.14 -13.16
C GLU A 454 -15.86 -0.22 -13.12
N ARG A 455 -14.98 0.74 -13.40
CA ARG A 455 -13.55 0.43 -13.35
C ARG A 455 -13.10 0.16 -11.92
N MET A 456 -13.64 0.87 -10.94
CA MET A 456 -13.31 0.56 -9.55
C MET A 456 -13.85 -0.82 -9.17
N ALA A 457 -15.02 -1.17 -9.69
CA ALA A 457 -15.72 -2.37 -9.26
C ALA A 457 -15.03 -3.64 -9.75
N PHE A 458 -14.65 -3.71 -11.03
CA PHE A 458 -14.02 -4.95 -11.46
C PHE A 458 -12.51 -4.97 -11.23
N ASN A 459 -11.90 -3.84 -10.86
CA ASN A 459 -10.55 -3.90 -10.33
C ASN A 459 -10.52 -4.59 -8.98
N MET A 460 -11.51 -4.31 -8.12
CA MET A 460 -11.41 -4.75 -6.73
C MET A 460 -11.24 -6.25 -6.57
N PRO A 461 -12.02 -7.11 -7.21
CA PRO A 461 -11.79 -8.55 -7.02
C PRO A 461 -10.38 -8.97 -7.37
N VAL A 462 -9.77 -8.36 -8.39
CA VAL A 462 -8.42 -8.76 -8.76
C VAL A 462 -7.41 -8.26 -7.75
N GLN A 463 -7.45 -6.96 -7.45
CA GLN A 463 -6.49 -6.39 -6.51
C GLN A 463 -6.72 -6.93 -5.10
N GLY A 464 -7.98 -7.10 -4.72
CA GLY A 464 -8.27 -7.55 -3.37
C GLY A 464 -7.96 -9.02 -3.15
N THR A 465 -8.17 -9.85 -4.17
CA THR A 465 -7.75 -11.25 -4.05
C THR A 465 -6.25 -11.33 -3.85
N ALA A 466 -5.49 -10.57 -4.64
CA ALA A 466 -4.05 -10.55 -4.48
C ALA A 466 -3.66 -10.10 -3.07
N ALA A 467 -4.37 -9.11 -2.54
CA ALA A 467 -4.14 -8.67 -1.16
C ALA A 467 -4.47 -9.76 -0.15
N ASP A 468 -5.61 -10.44 -0.34
CA ASP A 468 -5.96 -11.54 0.55
C ASP A 468 -4.86 -12.58 0.59
N LEU A 469 -4.35 -12.97 -0.59
CA LEU A 469 -3.32 -14.01 -0.65
C LEU A 469 -2.07 -13.58 0.09
N MET A 470 -1.65 -12.34 -0.11
CA MET A 470 -0.46 -11.82 0.56
C MET A 470 -0.65 -11.82 2.06
N LYS A 471 -1.79 -11.31 2.54
CA LYS A 471 -2.07 -11.30 3.97
C LYS A 471 -2.02 -12.72 4.54
N LEU A 472 -2.63 -13.67 3.85
CA LEU A 472 -2.63 -15.05 4.33
C LEU A 472 -1.21 -15.61 4.38
N ALA A 473 -0.39 -15.28 3.38
CA ALA A 473 1.00 -15.71 3.38
C ALA A 473 1.76 -15.13 4.58
N MET A 474 1.54 -13.86 4.87
CA MET A 474 2.17 -13.25 6.04
C MET A 474 1.78 -13.98 7.32
N VAL A 475 0.49 -14.30 7.46
CA VAL A 475 0.02 -15.01 8.65
C VAL A 475 0.68 -16.37 8.77
N LYS A 476 0.82 -17.09 7.65
CA LYS A 476 1.46 -18.41 7.68
C LYS A 476 2.97 -18.30 7.84
N LEU A 477 3.59 -17.28 7.27
CA LEU A 477 5.05 -17.21 7.28
C LEU A 477 5.60 -16.72 8.62
N PHE A 478 4.87 -15.86 9.32
CA PHE A 478 5.44 -15.21 10.50
C PHE A 478 5.94 -16.18 11.57
N PRO A 479 5.20 -17.23 11.97
CA PRO A 479 5.75 -18.13 13.02
C PRO A 479 6.96 -18.93 12.55
N ARG A 480 6.99 -19.34 11.28
CA ARG A 480 8.18 -19.97 10.72
C ARG A 480 9.40 -19.06 10.87
N LEU A 481 9.24 -17.75 10.62
CA LEU A 481 10.40 -16.85 10.71
C LEU A 481 10.88 -16.71 12.15
N GLU A 482 9.95 -16.50 13.09
CA GLU A 482 10.36 -16.40 14.48
C GLU A 482 11.15 -17.64 14.89
N GLU A 483 10.74 -18.82 14.43
CA GLU A 483 11.46 -20.04 14.82
C GLU A 483 12.82 -20.15 14.14
N MET A 484 13.04 -19.44 13.02
CA MET A 484 14.36 -19.42 12.41
C MET A 484 15.22 -18.25 12.87
N GLY A 485 14.71 -17.41 13.78
CA GLY A 485 15.44 -16.24 14.22
C GLY A 485 15.48 -15.10 13.23
N ALA A 486 14.50 -15.01 12.34
CA ALA A 486 14.45 -13.98 11.31
C ALA A 486 13.27 -13.04 11.56
N ARG A 487 13.28 -11.92 10.85
CA ARG A 487 12.34 -10.83 11.07
C ARG A 487 11.57 -10.55 9.79
N MET A 488 10.30 -10.21 9.93
CA MET A 488 9.53 -9.64 8.84
C MET A 488 9.55 -8.13 9.01
N LEU A 489 10.00 -7.42 7.98
CA LEU A 489 10.20 -5.98 8.09
C LEU A 489 9.14 -5.16 7.34
N LEU A 490 8.92 -5.45 6.07
CA LEU A 490 8.05 -4.63 5.25
C LEU A 490 7.15 -5.49 4.39
N GLN A 491 5.97 -4.94 4.08
CA GLN A 491 5.09 -5.47 3.06
C GLN A 491 4.86 -4.34 2.06
N VAL A 492 5.01 -4.64 0.78
CA VAL A 492 4.75 -3.66 -0.27
C VAL A 492 3.77 -4.28 -1.27
N HIS A 493 2.58 -4.63 -0.77
CA HIS A 493 1.45 -5.10 -1.54
C HIS A 493 1.60 -6.54 -2.05
N ASP A 494 2.61 -6.84 -2.86
CA ASP A 494 2.83 -8.23 -3.28
C ASP A 494 4.27 -8.66 -2.98
N GLU A 495 4.90 -8.01 -2.03
CA GLU A 495 6.31 -8.17 -1.74
C GLU A 495 6.50 -8.15 -0.23
N LEU A 496 7.45 -8.94 0.23
CA LEU A 496 7.90 -8.92 1.61
C LEU A 496 9.38 -8.64 1.63
N VAL A 497 9.82 -7.86 2.60
CA VAL A 497 11.24 -7.71 2.90
C VAL A 497 11.47 -8.30 4.29
N LEU A 498 12.34 -9.30 4.35
CA LEU A 498 12.72 -9.95 5.60
C LEU A 498 14.14 -9.56 5.97
N GLU A 499 14.48 -9.81 7.23
CA GLU A 499 15.83 -9.58 7.73
C GLU A 499 16.23 -10.86 8.44
N ALA A 500 17.35 -11.46 8.02
CA ALA A 500 17.73 -12.74 8.58
C ALA A 500 19.21 -12.78 8.97
N PRO A 501 19.56 -13.57 9.98
CA PRO A 501 20.97 -13.84 10.22
C PRO A 501 21.66 -14.34 8.95
N LYS A 502 22.86 -13.81 8.70
CA LYS A 502 23.62 -14.20 7.51
C LYS A 502 23.69 -15.71 7.35
N GLU A 503 23.98 -16.43 8.44
CA GLU A 503 24.11 -17.89 8.33
C GLU A 503 22.79 -18.58 8.03
N ARG A 504 21.65 -17.90 8.20
CA ARG A 504 20.35 -18.51 7.94
C ARG A 504 19.63 -17.88 6.76
N ALA A 505 20.27 -16.92 6.09
CA ALA A 505 19.54 -16.15 5.07
C ALA A 505 19.06 -17.04 3.93
N GLU A 506 19.91 -17.96 3.48
CA GLU A 506 19.52 -18.83 2.36
C GLU A 506 18.34 -19.71 2.73
N ALA A 507 18.38 -20.32 3.92
CA ALA A 507 17.28 -21.18 4.35
C ALA A 507 15.98 -20.39 4.48
N VAL A 508 16.08 -19.16 4.98
CA VAL A 508 14.89 -18.32 5.14
C VAL A 508 14.31 -17.97 3.77
N ALA A 509 15.18 -17.61 2.82
CA ALA A 509 14.71 -17.26 1.49
C ALA A 509 13.99 -18.43 0.83
N ARG A 510 14.59 -19.62 0.90
CA ARG A 510 13.95 -20.80 0.32
C ARG A 510 12.59 -21.03 0.94
N LEU A 511 12.52 -20.99 2.28
CA LEU A 511 11.27 -21.29 2.97
C LEU A 511 10.20 -20.27 2.66
N ALA A 512 10.56 -18.99 2.74
CA ALA A 512 9.59 -17.92 2.49
C ALA A 512 9.03 -18.02 1.08
N LYS A 513 9.87 -18.36 0.11
CA LYS A 513 9.39 -18.54 -1.25
C LYS A 513 8.36 -19.66 -1.32
N GLU A 514 8.64 -20.79 -0.67
CA GLU A 514 7.70 -21.90 -0.69
C GLU A 514 6.39 -21.53 0.00
N VAL A 515 6.46 -20.91 1.17
CA VAL A 515 5.23 -20.53 1.85
C VAL A 515 4.42 -19.58 0.97
N MET A 516 5.10 -18.60 0.37
CA MET A 516 4.36 -17.63 -0.45
C MET A 516 3.74 -18.30 -1.67
N GLU A 517 4.50 -19.15 -2.38
CA GLU A 517 3.97 -19.73 -3.60
C GLU A 517 2.86 -20.74 -3.33
N GLY A 518 2.91 -21.41 -2.17
CA GLY A 518 1.91 -22.40 -1.83
C GLY A 518 0.80 -21.87 -0.92
N VAL A 519 0.66 -20.55 -0.80
CA VAL A 519 -0.27 -19.99 0.17
C VAL A 519 -1.69 -20.50 -0.05
N TYR A 520 -2.08 -20.65 -1.33
CA TYR A 520 -3.45 -21.04 -1.65
C TYR A 520 -3.51 -21.43 -3.12
N PRO A 521 -3.41 -22.70 -3.46
CA PRO A 521 -3.28 -23.07 -4.88
C PRO A 521 -4.43 -22.52 -5.73
N LEU A 522 -4.04 -21.98 -6.88
CA LEU A 522 -4.97 -21.49 -7.88
C LEU A 522 -4.86 -22.34 -9.14
N ALA A 523 -5.66 -21.99 -10.16
CA ALA A 523 -5.61 -22.67 -11.45
C ALA A 523 -4.31 -22.40 -12.19
N VAL A 524 -3.49 -21.49 -11.70
CA VAL A 524 -2.14 -21.27 -12.22
C VAL A 524 -1.19 -21.28 -11.04
N PRO A 525 0.08 -21.59 -11.28
CA PRO A 525 1.05 -21.52 -10.18
C PRO A 525 1.35 -20.09 -9.81
N LEU A 526 1.56 -19.84 -8.53
CA LEU A 526 2.14 -18.59 -8.09
C LEU A 526 3.64 -18.75 -8.04
N GLU A 527 4.33 -17.86 -8.73
CA GLU A 527 5.79 -17.81 -8.73
C GLU A 527 6.24 -16.55 -8.01
N VAL A 528 7.27 -16.73 -7.18
CA VAL A 528 7.81 -15.67 -6.35
C VAL A 528 9.29 -15.51 -6.68
N GLU A 529 9.69 -14.28 -6.98
CA GLU A 529 11.09 -13.94 -7.21
C GLU A 529 11.71 -13.54 -5.89
N VAL A 530 12.89 -14.12 -5.59
CA VAL A 530 13.54 -13.90 -4.31
C VAL A 530 14.99 -13.54 -4.54
N GLY A 531 15.48 -12.58 -3.77
CA GLY A 531 16.89 -12.25 -3.76
C GLY A 531 17.34 -11.92 -2.35
N ILE A 532 18.66 -11.85 -2.19
CA ILE A 532 19.29 -11.57 -0.91
C ILE A 532 20.37 -10.51 -1.10
N GLY A 533 20.45 -9.55 -0.18
CA GLY A 533 21.47 -8.53 -0.25
C GLY A 533 21.60 -7.76 1.04
N GLU A 534 22.69 -6.99 1.12
CA GLU A 534 22.89 -6.04 2.21
C GLU A 534 21.97 -4.84 2.13
N ASP A 535 21.29 -4.62 1.01
CA ASP A 535 20.45 -3.44 0.84
C ASP A 535 19.22 -3.82 0.02
N TRP A 536 18.16 -3.02 0.19
CA TRP A 536 16.87 -3.36 -0.40
C TRP A 536 16.97 -3.50 -1.92
N LEU A 537 17.71 -2.61 -2.57
CA LEU A 537 17.83 -2.70 -4.03
C LEU A 537 18.57 -3.96 -4.46
N SER A 538 19.68 -4.29 -3.80
CA SER A 538 20.45 -5.44 -4.24
C SER A 538 19.69 -6.75 -3.96
N ALA A 539 18.84 -6.78 -2.95
CA ALA A 539 18.02 -7.97 -2.72
C ALA A 539 16.98 -8.18 -3.81
N LYS A 540 16.54 -7.11 -4.47
CA LYS A 540 15.54 -7.25 -5.53
C LYS A 540 16.14 -7.62 -6.87
N GLU A 541 17.39 -8.06 -6.92
CA GLU A 541 18.06 -8.35 -8.18
C GLU A 541 18.45 -9.83 -8.26
O D4B B 7 -3.60 20.76 -7.70
C1' D4B B 7 -2.46 19.95 -7.75
C10 D4B B 7 -8.09 15.08 -5.60
C11 D4B B 7 -9.24 14.35 -5.34
C12 D4B B 7 -7.70 15.30 -3.21
C13 D4B B 7 -8.85 14.57 -2.95
C14 D4B B 7 -9.62 14.08 -4.00
C15 D4B B 7 -10.79 13.33 -3.79
C16 D4B B 7 -11.77 12.68 -3.71
C2 D4B B 7 -1.53 18.87 -5.65
C2' D4B B 7 -2.64 19.18 -9.11
C3' D4B B 7 -3.04 20.41 -9.99
C4 D4B B 7 -3.78 18.35 -6.40
C4' D4B B 7 -3.58 21.44 -8.92
C5 D4B B 7 -3.97 17.57 -5.25
C5' D4B B 7 -5.01 21.95 -9.36
C6 D4B B 7 -2.86 17.49 -4.31
C7 D4B B 7 -5.16 16.90 -5.05
C8 D4B B 7 -6.16 16.29 -4.83
C9 D4B B 7 -7.32 15.56 -4.52
N1 D4B B 7 -1.68 18.10 -4.49
N3 D4B B 7 -2.61 18.98 -6.60
N6 D4B B 7 -2.98 16.78 -3.15
O1 D4B B 7 -5.90 20.94 -9.48
O2 D4B B 7 -0.46 19.43 -5.90
OP1 D4B B 7 -8.27 19.97 -9.25
O3' D4B B 7 -1.97 20.99 -10.71
P D4B B 7 -7.57 21.29 -9.12
OP2 D4B B 7 -7.90 22.36 -10.21
H1' D4B B 7 -1.64 20.65 -7.63
H2 D4B B 7 -7.79 15.30 -6.62
H11 D4B B 7 -9.85 13.97 -6.16
H14 D4B B 7 -7.08 15.67 -2.39
H15 D4B B 7 -9.15 14.36 -1.93
H16 D4B B 7 -12.68 12.08 -3.64
H2'A D4B B 7 -3.41 18.41 -9.11
H2'B D4B B 7 -1.71 18.73 -9.41
H3' D4B B 7 -3.78 20.19 -10.76
H4 D4B B 7 -4.57 18.44 -7.14
H4' D4B B 7 -2.92 22.29 -8.72
H5'B D4B B 7 -4.92 22.51 -10.29
H5'A D4B B 7 -5.31 22.66 -8.59
HN2 D4B B 7 -2.20 16.72 -2.50
HN1 D4B B 7 -3.84 16.28 -2.93
MN MN D . 5.72 -5.88 -6.21
MN MN E . 5.07 -8.59 -8.43
C1 EDO F . 9.37 11.67 14.44
O1 EDO F . 8.26 12.27 13.77
C2 EDO F . 10.07 12.70 15.32
O2 EDO F . 9.10 13.29 16.19
H11 EDO F . 10.09 11.28 13.71
H12 EDO F . 9.04 10.83 15.06
HO1 EDO F . 7.83 11.60 13.22
H21 EDO F . 10.53 13.47 14.70
H22 EDO F . 10.85 12.22 15.91
HO2 EDO F . 9.53 13.95 16.76
N1 XG4 G . -1.82 -0.01 -12.46
C2 XG4 G . -2.63 -0.88 -11.80
N2 XG4 G . -3.94 -0.78 -12.05
N3 XG4 G . -2.19 -1.81 -10.96
C4 XG4 G . -0.85 -1.79 -10.81
C5 XG4 G . 0.04 -0.94 -11.40
C6 XG4 G . -0.45 0.06 -12.32
O6 XG4 G . 0.21 0.86 -12.98
N7 XG4 G . 1.33 -1.22 -10.97
C8 XG4 G . 1.19 -2.22 -10.14
N9 XG4 G . -0.11 -2.63 -10.03
PA XG4 G . 4.47 -5.38 -9.20
PB XG4 G . 3.84 -7.55 -11.07
PG XG4 G . 6.48 -8.55 -11.52
C1' XG4 G . -0.61 -3.85 -9.38
O1A XG4 G . 5.04 -6.28 -8.21
O1B XG4 G . 3.48 -8.37 -9.92
O1G XG4 G . 6.78 -9.82 -12.24
C2' XG4 G . -0.74 -5.03 -10.35
O2A XG4 G . 5.36 -4.14 -9.31
O2B XG4 G . 2.54 -7.55 -11.94
O2G XG4 G . 7.50 -7.48 -11.84
C3' XG4 G . 0.52 -5.85 -10.10
O3' XG4 G . 0.26 -7.22 -10.36
N3A XG4 G . 4.33 -6.07 -10.65
O3B XG4 G . 5.03 -8.09 -11.98
O3G XG4 G . 6.35 -8.66 -9.98
C4' XG4 G . 0.75 -5.61 -8.62
O4' XG4 G . 0.35 -4.24 -8.40
C5' XG4 G . 2.15 -5.83 -8.12
O5' XG4 G . 3.04 -4.91 -8.76
HN1 XG4 G . -2.21 0.67 -13.10
HN2 XG4 G . -4.36 -0.10 -12.68
HN2A XG4 G . -4.59 -1.41 -11.58
H8 XG4 G . 2.01 -2.69 -9.60
H1' XG4 G . -1.52 -3.60 -8.85
H2' XG4 G . -0.80 -4.66 -11.38
H2'A XG4 G . -1.66 -5.59 -10.22
H3' XG4 G . 1.37 -5.50 -10.69
HO3' XG4 G . 0.69 -7.42 -11.24
HN3A XG4 G . 4.60 -5.49 -11.44
H4' XG4 G . 0.05 -6.21 -8.02
H5' XG4 G . 2.19 -5.77 -7.04
H5'A XG4 G . 2.52 -6.82 -8.43
#